data_2DEV
#
_entry.id   2DEV
#
_cell.length_a   65.764
_cell.length_b   65.764
_cell.length_c   204.285
_cell.angle_alpha   90.00
_cell.angle_beta   90.00
_cell.angle_gamma   90.00
#
_symmetry.space_group_name_H-M   'P 41 21 2'
#
loop_
_entity.id
_entity.type
_entity.pdbx_description
1 polymer 'tt0972 protein'
2 non-polymer 'CHLORIDE ION'
3 non-polymer 'CESIUM ION'
4 non-polymer 'SODIUM ION'
5 water water
#
_entity_poly.entity_id   1
_entity_poly.type   'polypeptide(L)'
_entity_poly.pdbx_seq_one_letter_code
;MGKVYKKVELVGTSEEGLEAAIQAALARARKTLRHLDWFEVKEIRGTIGEAGVKEYQVVLEVGFRLEET
;
_entity_poly.pdbx_strand_id   A,B,C,D,E,F
#
loop_
_chem_comp.id
_chem_comp.type
_chem_comp.name
_chem_comp.formula
CL non-polymer 'CHLORIDE ION' 'Cl -1'
CS non-polymer 'CESIUM ION' 'Cs 1'
NA non-polymer 'SODIUM ION' 'Na 1'
#
# COMPACT_ATOMS: atom_id res chain seq x y z
N GLY A 2 11.17 -22.61 21.56
CA GLY A 2 11.79 -23.53 20.56
C GLY A 2 12.44 -22.76 19.41
N LYS A 3 12.10 -23.15 18.19
CA LYS A 3 12.63 -22.48 17.02
C LYS A 3 12.10 -21.03 16.92
N VAL A 4 12.87 -20.18 16.25
CA VAL A 4 12.52 -18.79 16.05
C VAL A 4 12.92 -18.41 14.63
N TYR A 5 11.99 -17.84 13.87
CA TYR A 5 12.28 -17.42 12.51
C TYR A 5 12.37 -15.90 12.40
N LYS A 6 12.85 -15.45 11.25
CA LYS A 6 12.96 -14.04 10.95
C LYS A 6 12.39 -13.83 9.54
N LYS A 7 11.77 -12.66 9.33
CA LYS A 7 11.17 -12.28 8.05
C LYS A 7 11.77 -10.97 7.53
N VAL A 8 12.22 -10.97 6.29
CA VAL A 8 12.75 -9.74 5.71
C VAL A 8 11.86 -9.45 4.54
N GLU A 9 11.74 -8.18 4.20
CA GLU A 9 10.87 -7.79 3.11
C GLU A 9 11.71 -7.42 1.92
N LEU A 10 11.48 -8.09 0.80
CA LEU A 10 12.23 -7.84 -0.41
C LEU A 10 11.30 -7.49 -1.53
N VAL A 11 11.86 -6.90 -2.56
CA VAL A 11 11.06 -6.55 -3.71
C VAL A 11 11.73 -7.14 -4.95
N GLY A 12 11.23 -8.27 -5.43
CA GLY A 12 11.83 -8.83 -6.62
C GLY A 12 11.30 -8.14 -7.88
N THR A 13 12.17 -7.90 -8.86
CA THR A 13 11.75 -7.27 -10.12
C THR A 13 12.09 -8.15 -11.33
N SER A 14 11.34 -8.00 -12.41
CA SER A 14 11.55 -8.81 -13.60
C SER A 14 10.70 -8.30 -14.74
N GLU A 15 11.23 -8.38 -15.96
CA GLU A 15 10.52 -7.92 -17.13
C GLU A 15 9.70 -9.06 -17.70
N GLU A 16 10.01 -10.27 -17.24
CA GLU A 16 9.35 -11.48 -17.71
C GLU A 16 7.92 -11.70 -17.19
N GLY A 17 7.80 -11.84 -15.86
CA GLY A 17 6.51 -12.07 -15.25
C GLY A 17 6.58 -12.14 -13.74
N LEU A 18 5.44 -12.42 -13.11
CA LEU A 18 5.35 -12.46 -11.65
C LEU A 18 6.25 -13.51 -11.06
N GLU A 19 6.08 -14.73 -11.55
CA GLU A 19 6.87 -15.86 -11.07
C GLU A 19 8.35 -15.54 -11.15
N ALA A 20 8.78 -14.88 -12.23
CA ALA A 20 10.18 -14.51 -12.38
C ALA A 20 10.63 -13.52 -11.31
N ALA A 21 9.83 -12.48 -11.10
CA ALA A 21 10.14 -11.46 -10.09
C ALA A 21 10.36 -12.14 -8.76
N ILE A 22 9.45 -13.04 -8.41
CA ILE A 22 9.55 -13.77 -7.15
C ILE A 22 10.85 -14.55 -7.00
N GLN A 23 11.19 -15.30 -8.04
CA GLN A 23 12.40 -16.11 -8.06
C GLN A 23 13.62 -15.18 -7.96
N ALA A 24 13.56 -14.05 -8.66
CA ALA A 24 14.67 -13.11 -8.62
C ALA A 24 14.99 -12.72 -7.20
N ALA A 25 13.95 -12.42 -6.43
CA ALA A 25 14.11 -12.01 -5.04
C ALA A 25 14.65 -13.16 -4.19
N LEU A 26 14.14 -14.36 -4.43
CA LEU A 26 14.62 -15.50 -3.67
C LEU A 26 16.08 -15.83 -4.04
N ALA A 27 16.41 -15.76 -5.32
CA ALA A 27 17.78 -16.02 -5.77
C ALA A 27 18.76 -15.16 -4.99
N ARG A 28 18.51 -13.85 -4.96
CA ARG A 28 19.36 -12.93 -4.22
C ARG A 28 19.31 -13.19 -2.72
N ALA A 29 18.17 -13.66 -2.24
CA ALA A 29 18.02 -13.93 -0.81
C ALA A 29 18.92 -15.07 -0.38
N ARG A 30 19.01 -16.09 -1.23
CA ARG A 30 19.84 -17.25 -0.96
C ARG A 30 21.31 -16.88 -0.74
N LYS A 31 21.77 -15.84 -1.43
CA LYS A 31 23.14 -15.38 -1.34
C LYS A 31 23.60 -14.97 0.05
N THR A 32 22.71 -14.39 0.87
CA THR A 32 23.12 -13.94 2.20
C THR A 32 22.27 -14.41 3.37
N LEU A 33 21.25 -15.22 3.08
CA LEU A 33 20.40 -15.73 4.16
C LEU A 33 20.36 -17.24 4.14
N ARG A 34 20.46 -17.85 5.32
CA ARG A 34 20.45 -19.31 5.45
C ARG A 34 19.13 -19.85 5.95
N HIS A 35 18.77 -21.03 5.46
CA HIS A 35 17.55 -21.66 5.92
C HIS A 35 16.27 -21.00 5.49
N LEU A 36 16.20 -20.57 4.24
CA LEU A 36 14.99 -19.94 3.73
C LEU A 36 13.91 -21.01 3.79
N ASP A 37 12.72 -20.66 4.26
CA ASP A 37 11.61 -21.60 4.37
C ASP A 37 10.33 -21.27 3.62
N TRP A 38 9.85 -20.04 3.73
CA TRP A 38 8.63 -19.67 3.00
C TRP A 38 8.66 -18.18 2.64
N PHE A 39 7.71 -17.79 1.79
CA PHE A 39 7.59 -16.40 1.35
C PHE A 39 6.10 -16.03 1.25
N GLU A 40 5.80 -14.75 1.39
CA GLU A 40 4.43 -14.29 1.33
C GLU A 40 4.43 -13.05 0.49
N VAL A 41 3.53 -13.02 -0.48
CA VAL A 41 3.44 -11.88 -1.36
C VAL A 41 2.61 -10.77 -0.72
N LYS A 42 3.19 -9.59 -0.62
CA LYS A 42 2.50 -8.46 -0.02
C LYS A 42 1.86 -7.54 -1.06
N GLU A 43 2.60 -7.23 -2.12
CA GLU A 43 2.11 -6.35 -3.17
C GLU A 43 2.62 -6.77 -4.53
N ILE A 44 1.86 -6.42 -5.54
CA ILE A 44 2.27 -6.69 -6.90
C ILE A 44 2.07 -5.37 -7.60
N ARG A 45 3.16 -4.77 -8.03
CA ARG A 45 3.06 -3.53 -8.77
C ARG A 45 4.10 -3.55 -9.90
N GLY A 46 4.37 -2.40 -10.50
CA GLY A 46 5.31 -2.37 -11.60
C GLY A 46 5.30 -1.07 -12.40
N THR A 47 6.27 -0.96 -13.30
CA THR A 47 6.45 0.22 -14.14
C THR A 47 5.83 0.03 -15.51
N ILE A 48 5.49 1.14 -16.15
CA ILE A 48 4.88 1.09 -17.47
C ILE A 48 5.79 1.69 -18.55
N GLY A 49 5.94 0.96 -19.65
CA GLY A 49 6.75 1.40 -20.77
C GLY A 49 5.89 1.54 -22.01
N GLU A 50 6.53 1.74 -23.15
CA GLU A 50 5.80 1.88 -24.40
C GLU A 50 5.09 0.59 -24.80
N ALA A 51 5.70 -0.55 -24.48
CA ALA A 51 5.14 -1.86 -24.80
C ALA A 51 4.20 -2.38 -23.70
N GLY A 52 3.95 -1.56 -22.70
CA GLY A 52 3.08 -1.98 -21.62
C GLY A 52 3.91 -2.15 -20.37
N VAL A 53 3.78 -3.27 -19.68
CA VAL A 53 4.55 -3.51 -18.48
C VAL A 53 6.04 -3.49 -18.77
N LYS A 54 6.77 -2.56 -18.14
CA LYS A 54 8.20 -2.51 -18.34
C LYS A 54 8.76 -3.55 -17.39
N GLU A 55 8.58 -3.32 -16.09
CA GLU A 55 9.02 -4.25 -15.05
C GLU A 55 7.90 -4.65 -14.05
N TYR A 56 7.89 -5.92 -13.66
CA TYR A 56 6.96 -6.38 -12.64
C TYR A 56 7.75 -6.31 -11.35
N GLN A 57 7.13 -5.81 -10.29
CA GLN A 57 7.81 -5.70 -9.01
C GLN A 57 6.91 -6.42 -8.02
N VAL A 58 7.45 -7.42 -7.34
CA VAL A 58 6.67 -8.15 -6.39
C VAL A 58 7.27 -7.95 -5.03
N VAL A 59 6.51 -7.32 -4.11
CA VAL A 59 6.99 -7.09 -2.76
C VAL A 59 6.61 -8.33 -1.98
N LEU A 60 7.59 -8.94 -1.32
CA LEU A 60 7.28 -10.13 -0.57
C LEU A 60 8.11 -10.24 0.68
N GLU A 61 7.67 -11.11 1.55
CA GLU A 61 8.35 -11.34 2.80
C GLU A 61 8.91 -12.72 2.72
N VAL A 62 10.17 -12.85 3.13
CA VAL A 62 10.86 -14.12 3.13
C VAL A 62 11.11 -14.58 4.56
N GLY A 63 10.62 -15.76 4.90
CA GLY A 63 10.81 -16.25 6.25
C GLY A 63 11.92 -17.27 6.29
N PHE A 64 12.80 -17.20 7.27
CA PHE A 64 13.89 -18.18 7.38
C PHE A 64 14.18 -18.53 8.84
N ARG A 65 14.75 -19.71 9.08
CA ARG A 65 15.04 -20.14 10.46
C ARG A 65 16.31 -19.53 11.00
N LEU A 66 16.25 -18.99 12.21
CA LEU A 66 17.43 -18.40 12.86
C LEU A 66 18.16 -19.52 13.60
N GLU A 67 19.49 -19.48 13.61
CA GLU A 67 20.28 -20.52 14.27
C GLU A 67 20.48 -20.26 15.76
N GLU A 68 21.15 -21.22 16.42
CA GLU A 68 21.43 -21.17 17.84
C GLU A 68 21.78 -19.79 18.39
N THR A 69 23.01 -19.38 18.07
CA THR A 69 23.59 -18.12 18.54
C THR A 69 23.45 -16.99 17.52
N GLY B 2 4.72 20.49 -6.97
CA GLY B 2 5.50 20.10 -8.19
C GLY B 2 4.60 19.33 -9.13
N LYS B 3 5.06 18.17 -9.58
CA LYS B 3 4.25 17.35 -10.44
C LYS B 3 3.06 16.80 -9.66
N VAL B 4 2.02 16.37 -10.38
CA VAL B 4 0.84 15.80 -9.78
C VAL B 4 0.47 14.64 -10.68
N TYR B 5 0.03 13.54 -10.09
CA TYR B 5 -0.33 12.34 -10.83
C TYR B 5 -1.77 12.00 -10.50
N LYS B 6 -2.41 11.22 -11.36
CA LYS B 6 -3.77 10.78 -11.12
C LYS B 6 -3.73 9.28 -11.22
N LYS B 7 -4.64 8.60 -10.54
CA LYS B 7 -4.69 7.14 -10.60
C LYS B 7 -6.08 6.74 -10.99
N VAL B 8 -6.20 5.79 -11.91
CA VAL B 8 -7.53 5.34 -12.30
C VAL B 8 -7.55 3.86 -12.01
N GLU B 9 -8.71 3.33 -11.73
CA GLU B 9 -8.83 1.93 -11.44
C GLU B 9 -9.43 1.20 -12.64
N LEU B 10 -8.74 0.18 -13.10
CA LEU B 10 -9.20 -0.59 -14.23
C LEU B 10 -9.17 -2.04 -13.83
N VAL B 11 -9.86 -2.87 -14.62
CA VAL B 11 -9.92 -4.30 -14.42
C VAL B 11 -9.61 -4.93 -15.75
N GLY B 12 -8.43 -5.52 -15.85
CA GLY B 12 -8.02 -6.15 -17.08
C GLY B 12 -8.41 -7.61 -17.02
N THR B 13 -9.03 -8.13 -18.09
CA THR B 13 -9.41 -9.53 -18.09
C THR B 13 -8.60 -10.27 -19.16
N SER B 14 -8.54 -11.59 -19.05
CA SER B 14 -7.82 -12.42 -20.00
C SER B 14 -8.05 -13.88 -19.65
N GLU B 15 -8.12 -14.72 -20.68
CA GLU B 15 -8.34 -16.16 -20.47
C GLU B 15 -7.01 -16.86 -20.40
N GLU B 16 -5.94 -16.12 -20.64
CA GLU B 16 -4.59 -16.69 -20.65
C GLU B 16 -3.90 -16.78 -19.32
N GLY B 17 -3.83 -15.66 -18.60
CA GLY B 17 -3.17 -15.64 -17.31
C GLY B 17 -3.15 -14.26 -16.70
N LEU B 18 -2.58 -14.19 -15.51
CA LEU B 18 -2.51 -12.94 -14.79
C LEU B 18 -1.78 -11.83 -15.53
N GLU B 19 -0.55 -12.12 -15.93
CA GLU B 19 0.24 -11.12 -16.65
C GLU B 19 -0.53 -10.62 -17.87
N ALA B 20 -1.21 -11.54 -18.56
CA ALA B 20 -1.97 -11.13 -19.74
C ALA B 20 -3.06 -10.14 -19.38
N ALA B 21 -3.85 -10.48 -18.37
CA ALA B 21 -4.96 -9.62 -17.92
C ALA B 21 -4.43 -8.24 -17.68
N ILE B 22 -3.29 -8.17 -17.00
CA ILE B 22 -2.67 -6.90 -16.69
C ILE B 22 -2.35 -6.15 -17.97
N GLN B 23 -1.63 -6.81 -18.88
CA GLN B 23 -1.27 -6.18 -20.17
C GLN B 23 -2.50 -5.67 -20.88
N ALA B 24 -3.58 -6.46 -20.87
CA ALA B 24 -4.80 -6.02 -21.52
C ALA B 24 -5.19 -4.64 -21.01
N ALA B 25 -5.26 -4.51 -19.70
CA ALA B 25 -5.65 -3.24 -19.10
C ALA B 25 -4.72 -2.11 -19.50
N LEU B 26 -3.41 -2.36 -19.47
CA LEU B 26 -2.48 -1.31 -19.83
C LEU B 26 -2.60 -0.91 -21.31
N ALA B 27 -2.80 -1.92 -22.17
CA ALA B 27 -2.97 -1.66 -23.60
C ALA B 27 -4.11 -0.67 -23.80
N ARG B 28 -5.29 -0.97 -23.24
CA ARG B 28 -6.43 -0.07 -23.39
C ARG B 28 -6.15 1.26 -22.74
N ALA B 29 -5.35 1.25 -21.69
CA ALA B 29 -5.10 2.48 -20.99
C ALA B 29 -4.27 3.45 -21.81
N ARG B 30 -3.30 2.95 -22.56
CA ARG B 30 -2.46 3.86 -23.33
C ARG B 30 -3.22 4.53 -24.46
N LYS B 31 -4.41 4.04 -24.78
CA LYS B 31 -5.19 4.63 -25.87
C LYS B 31 -5.82 5.98 -25.50
N THR B 32 -6.22 6.16 -24.25
CA THR B 32 -6.82 7.43 -23.84
C THR B 32 -6.08 8.19 -22.74
N LEU B 33 -4.99 7.61 -22.24
CA LEU B 33 -4.22 8.26 -21.17
C LEU B 33 -2.77 8.48 -21.58
N ARG B 34 -2.22 9.62 -21.18
CA ARG B 34 -0.85 9.97 -21.52
C ARG B 34 0.06 9.94 -20.32
N HIS B 35 1.32 9.56 -20.54
CA HIS B 35 2.32 9.52 -19.48
C HIS B 35 2.10 8.44 -18.42
N LEU B 36 1.65 7.26 -18.84
CA LEU B 36 1.44 6.20 -17.85
C LEU B 36 2.77 5.90 -17.17
N ASP B 37 2.77 5.83 -15.83
CA ASP B 37 4.01 5.57 -15.11
C ASP B 37 4.12 4.26 -14.35
N TRP B 38 3.07 3.90 -13.62
CA TRP B 38 3.11 2.67 -12.83
C TRP B 38 1.73 2.16 -12.59
N PHE B 39 1.67 0.92 -12.11
CA PHE B 39 0.41 0.26 -11.78
C PHE B 39 0.54 -0.48 -10.44
N GLU B 40 -0.60 -0.72 -9.81
CA GLU B 40 -0.62 -1.42 -8.54
C GLU B 40 -1.77 -2.40 -8.63
N VAL B 41 -1.50 -3.69 -8.40
CA VAL B 41 -2.58 -4.67 -8.42
C VAL B 41 -3.34 -4.64 -7.09
N LYS B 42 -4.65 -4.47 -7.19
CA LYS B 42 -5.46 -4.40 -6.00
C LYS B 42 -6.14 -5.74 -5.73
N GLU B 43 -6.71 -6.39 -6.74
CA GLU B 43 -7.35 -7.69 -6.53
C GLU B 43 -7.12 -8.57 -7.73
N ILE B 44 -7.26 -9.87 -7.50
CA ILE B 44 -7.16 -10.88 -8.53
C ILE B 44 -8.37 -11.79 -8.33
N ARG B 45 -9.28 -11.79 -9.30
CA ARG B 45 -10.46 -12.64 -9.19
C ARG B 45 -10.65 -13.26 -10.54
N GLY B 46 -11.74 -14.00 -10.72
CA GLY B 46 -11.98 -14.61 -12.01
C GLY B 46 -13.26 -15.40 -12.09
N THR B 47 -13.64 -15.77 -13.30
CA THR B 47 -14.85 -16.55 -13.51
C THR B 47 -14.47 -17.99 -13.72
N ILE B 48 -15.37 -18.90 -13.35
CA ILE B 48 -15.15 -20.34 -13.48
C ILE B 48 -15.95 -20.98 -14.63
N GLY B 49 -15.25 -21.82 -15.39
CA GLY B 49 -15.87 -22.51 -16.51
C GLY B 49 -15.72 -24.01 -16.37
N GLU B 50 -16.09 -24.76 -17.40
CA GLU B 50 -16.00 -26.21 -17.35
C GLU B 50 -14.55 -26.69 -17.26
N ALA B 51 -13.63 -25.92 -17.85
CA ALA B 51 -12.20 -26.26 -17.85
C ALA B 51 -11.45 -25.63 -16.69
N GLY B 52 -12.18 -25.04 -15.75
CA GLY B 52 -11.55 -24.36 -14.63
C GLY B 52 -11.66 -22.85 -14.78
N VAL B 53 -10.53 -22.15 -14.79
CA VAL B 53 -10.56 -20.70 -14.93
C VAL B 53 -11.07 -20.36 -16.32
N LYS B 54 -12.14 -19.57 -16.35
CA LYS B 54 -12.71 -19.12 -17.61
C LYS B 54 -11.95 -17.85 -17.99
N GLU B 55 -11.98 -16.87 -17.10
CA GLU B 55 -11.34 -15.59 -17.35
C GLU B 55 -10.71 -15.03 -16.09
N TYR B 56 -9.45 -14.59 -16.21
CA TYR B 56 -8.71 -14.02 -15.09
C TYR B 56 -9.00 -12.54 -15.10
N GLN B 57 -9.39 -11.99 -13.94
CA GLN B 57 -9.71 -10.58 -13.83
C GLN B 57 -8.79 -9.92 -12.82
N VAL B 58 -7.93 -9.01 -13.27
CA VAL B 58 -7.00 -8.33 -12.37
C VAL B 58 -7.31 -6.87 -12.21
N VAL B 59 -7.77 -6.50 -11.03
CA VAL B 59 -8.09 -5.12 -10.71
C VAL B 59 -6.82 -4.36 -10.40
N LEU B 60 -6.55 -3.31 -11.15
CA LEU B 60 -5.34 -2.59 -10.83
C LEU B 60 -5.54 -1.10 -10.98
N GLU B 61 -4.64 -0.34 -10.37
CA GLU B 61 -4.68 1.11 -10.40
C GLU B 61 -3.55 1.56 -11.30
N VAL B 62 -3.86 2.41 -12.27
CA VAL B 62 -2.85 2.91 -13.17
C VAL B 62 -2.55 4.35 -12.80
N GLY B 63 -1.28 4.66 -12.64
CA GLY B 63 -0.91 6.01 -12.26
C GLY B 63 -0.15 6.66 -13.38
N PHE B 64 -0.56 7.88 -13.73
CA PHE B 64 0.06 8.65 -14.80
C PHE B 64 0.25 10.12 -14.40
N ARG B 65 1.19 10.81 -15.03
CA ARG B 65 1.42 12.20 -14.69
C ARG B 65 0.42 13.11 -15.39
N LEU B 66 -0.04 14.12 -14.66
CA LEU B 66 -0.98 15.08 -15.20
C LEU B 66 -0.24 16.29 -15.76
N GLU B 67 -0.77 16.84 -16.85
CA GLU B 67 -0.16 18.01 -17.48
C GLU B 67 -0.85 19.23 -16.88
N GLU B 68 -0.06 20.23 -16.51
CA GLU B 68 -0.60 21.45 -15.90
C GLU B 68 -1.76 22.03 -16.72
N THR B 69 -1.57 22.06 -18.03
CA THR B 69 -2.58 22.59 -18.95
C THR B 69 -3.89 21.85 -18.71
N GLY C 2 -34.05 -14.19 -3.65
CA GLY C 2 -33.77 -14.91 -4.92
C GLY C 2 -32.72 -16.00 -4.77
N LYS C 3 -31.67 -15.91 -5.57
CA LYS C 3 -30.60 -16.88 -5.55
C LYS C 3 -29.71 -16.67 -4.33
N VAL C 4 -29.04 -17.72 -3.89
CA VAL C 4 -28.13 -17.64 -2.75
C VAL C 4 -26.88 -18.42 -3.14
N TYR C 5 -25.70 -17.83 -2.91
CA TYR C 5 -24.43 -18.49 -3.25
C TYR C 5 -23.71 -18.85 -1.95
N LYS C 6 -22.62 -19.62 -2.05
CA LYS C 6 -21.85 -19.98 -0.88
C LYS C 6 -20.40 -19.88 -1.30
N LYS C 7 -19.53 -19.61 -0.34
CA LYS C 7 -18.13 -19.47 -0.68
C LYS C 7 -17.32 -20.35 0.22
N VAL C 8 -16.38 -21.07 -0.36
CA VAL C 8 -15.47 -21.93 0.40
C VAL C 8 -14.05 -21.48 0.12
N GLU C 9 -13.23 -21.55 1.15
CA GLU C 9 -11.86 -21.11 1.01
C GLU C 9 -10.93 -22.29 0.80
N LEU C 10 -10.18 -22.25 -0.29
CA LEU C 10 -9.27 -23.33 -0.63
C LEU C 10 -7.88 -22.76 -0.83
N VAL C 11 -6.88 -23.64 -0.83
CA VAL C 11 -5.51 -23.24 -1.06
C VAL C 11 -4.92 -24.16 -2.10
N GLY C 12 -4.86 -23.70 -3.33
CA GLY C 12 -4.31 -24.53 -4.38
C GLY C 12 -2.80 -24.46 -4.34
N THR C 13 -2.12 -25.56 -4.61
CA THR C 13 -0.66 -25.55 -4.61
C THR C 13 -0.14 -26.06 -5.94
N SER C 14 1.11 -25.75 -6.24
CA SER C 14 1.69 -26.18 -7.49
C SER C 14 3.12 -25.70 -7.56
N GLU C 15 3.99 -26.50 -8.17
CA GLU C 15 5.40 -26.12 -8.28
C GLU C 15 5.63 -25.36 -9.58
N GLU C 16 4.59 -25.28 -10.41
CA GLU C 16 4.69 -24.61 -11.69
C GLU C 16 4.54 -23.09 -11.64
N GLY C 17 3.42 -22.63 -11.10
CA GLY C 17 3.18 -21.20 -11.03
C GLY C 17 1.86 -20.83 -10.40
N LEU C 18 1.54 -19.53 -10.46
CA LEU C 18 0.33 -18.98 -9.87
C LEU C 18 -0.95 -19.48 -10.53
N GLU C 19 -0.98 -19.43 -11.86
CA GLU C 19 -2.15 -19.91 -12.61
C GLU C 19 -2.37 -21.42 -12.34
N ALA C 20 -1.27 -22.14 -12.25
CA ALA C 20 -1.33 -23.56 -12.00
C ALA C 20 -2.00 -23.84 -10.67
N ALA C 21 -1.50 -23.17 -9.63
CA ALA C 21 -2.03 -23.35 -8.27
C ALA C 21 -3.53 -23.07 -8.23
N ILE C 22 -3.95 -22.01 -8.93
CA ILE C 22 -5.37 -21.68 -8.97
C ILE C 22 -6.15 -22.82 -9.61
N GLN C 23 -5.72 -23.23 -10.80
CA GLN C 23 -6.38 -24.34 -11.51
C GLN C 23 -6.49 -25.59 -10.62
N ALA C 24 -5.38 -25.94 -9.98
CA ALA C 24 -5.38 -27.09 -9.09
C ALA C 24 -6.55 -27.00 -8.11
N ALA C 25 -6.70 -25.85 -7.45
CA ALA C 25 -7.78 -25.71 -6.49
C ALA C 25 -9.14 -25.86 -7.17
N LEU C 26 -9.29 -25.27 -8.35
CA LEU C 26 -10.56 -25.36 -9.06
C LEU C 26 -10.85 -26.80 -9.47
N ALA C 27 -9.82 -27.48 -9.98
CA ALA C 27 -9.98 -28.86 -10.40
C ALA C 27 -10.61 -29.66 -9.26
N ARG C 28 -9.94 -29.65 -8.12
CA ARG C 28 -10.44 -30.39 -6.97
C ARG C 28 -11.80 -29.91 -6.48
N ALA C 29 -12.10 -28.64 -6.70
CA ALA C 29 -13.37 -28.11 -6.24
C ALA C 29 -14.50 -28.64 -7.11
N ARG C 30 -14.22 -28.79 -8.39
CA ARG C 30 -15.22 -29.29 -9.33
C ARG C 30 -15.71 -30.69 -8.97
N LYS C 31 -14.86 -31.46 -8.29
CA LYS C 31 -15.23 -32.81 -7.92
C LYS C 31 -16.33 -32.91 -6.86
N THR C 32 -16.41 -31.98 -5.93
CA THR C 32 -17.45 -32.08 -4.90
C THR C 32 -18.41 -30.92 -4.81
N LEU C 33 -18.19 -29.88 -5.61
CA LEU C 33 -19.07 -28.72 -5.58
C LEU C 33 -19.69 -28.50 -6.94
N ARG C 34 -20.97 -28.12 -6.95
CA ARG C 34 -21.69 -27.89 -8.20
C ARG C 34 -22.04 -26.43 -8.42
N HIS C 35 -22.01 -26.03 -9.69
CA HIS C 35 -22.34 -24.67 -10.08
C HIS C 35 -21.28 -23.66 -9.68
N LEU C 36 -20.01 -23.99 -9.90
CA LEU C 36 -18.93 -23.07 -9.56
C LEU C 36 -19.04 -21.86 -10.48
N ASP C 37 -19.09 -20.66 -9.88
CA ASP C 37 -19.20 -19.42 -10.67
C ASP C 37 -17.96 -18.53 -10.67
N TRP C 38 -17.49 -18.13 -9.50
CA TRP C 38 -16.31 -17.24 -9.45
C TRP C 38 -15.32 -17.53 -8.32
N PHE C 39 -14.15 -16.92 -8.39
CA PHE C 39 -13.16 -17.12 -7.35
C PHE C 39 -12.51 -15.77 -7.08
N GLU C 40 -11.95 -15.65 -5.87
CA GLU C 40 -11.29 -14.44 -5.42
C GLU C 40 -9.97 -14.86 -4.77
N VAL C 41 -8.86 -14.27 -5.20
CA VAL C 41 -7.58 -14.64 -4.62
C VAL C 41 -7.43 -13.88 -3.33
N LYS C 42 -7.17 -14.56 -2.22
CA LYS C 42 -7.02 -13.86 -0.96
C LYS C 42 -5.57 -13.68 -0.59
N GLU C 43 -4.74 -14.70 -0.82
CA GLU C 43 -3.31 -14.62 -0.49
C GLU C 43 -2.49 -15.35 -1.54
N ILE C 44 -1.21 -15.01 -1.58
CA ILE C 44 -0.27 -15.68 -2.45
C ILE C 44 0.96 -15.82 -1.61
N ARG C 45 1.36 -17.07 -1.38
CA ARG C 45 2.55 -17.38 -0.60
C ARG C 45 3.24 -18.58 -1.23
N GLY C 46 4.06 -19.26 -0.44
CA GLY C 46 4.77 -20.42 -0.93
C GLY C 46 5.96 -20.86 -0.10
N THR C 47 6.51 -22.01 -0.46
CA THR C 47 7.64 -22.56 0.27
C THR C 47 8.92 -22.33 -0.52
N ILE C 48 10.04 -22.46 0.17
CA ILE C 48 11.32 -22.23 -0.49
C ILE C 48 12.23 -23.44 -0.43
N GLY C 49 12.77 -23.79 -1.59
CA GLY C 49 13.68 -24.91 -1.66
C GLY C 49 15.04 -24.46 -2.20
N GLU C 50 15.90 -25.40 -2.57
CA GLU C 50 17.24 -25.08 -3.07
C GLU C 50 17.25 -24.34 -4.39
N ALA C 51 16.22 -24.54 -5.21
CA ALA C 51 16.15 -23.89 -6.51
C ALA C 51 15.28 -22.64 -6.47
N GLY C 52 14.89 -22.24 -5.26
CA GLY C 52 14.04 -21.07 -5.10
C GLY C 52 12.65 -21.57 -4.74
N VAL C 53 11.65 -21.09 -5.45
CA VAL C 53 10.29 -21.50 -5.15
C VAL C 53 10.08 -23.01 -5.21
N LYS C 54 9.83 -23.63 -4.07
CA LYS C 54 9.54 -25.04 -4.07
C LYS C 54 8.09 -25.15 -4.58
N GLU C 55 7.13 -24.64 -3.81
CA GLU C 55 5.74 -24.66 -4.27
C GLU C 55 5.00 -23.36 -4.02
N TYR C 56 4.17 -23.02 -5.00
CA TYR C 56 3.36 -21.81 -4.96
C TYR C 56 2.03 -22.18 -4.34
N GLN C 57 1.60 -21.37 -3.38
CA GLN C 57 0.34 -21.62 -2.72
C GLN C 57 -0.55 -20.39 -2.89
N VAL C 58 -1.75 -20.57 -3.43
CA VAL C 58 -2.67 -19.46 -3.63
C VAL C 58 -3.93 -19.69 -2.84
N VAL C 59 -4.19 -18.84 -1.84
CA VAL C 59 -5.39 -18.97 -1.03
C VAL C 59 -6.51 -18.25 -1.74
N LEU C 60 -7.61 -18.93 -2.00
CA LEU C 60 -8.69 -18.29 -2.71
C LEU C 60 -10.02 -18.78 -2.24
N GLU C 61 -11.05 -17.98 -2.54
CA GLU C 61 -12.41 -18.34 -2.17
C GLU C 61 -13.11 -18.65 -3.45
N VAL C 62 -13.90 -19.72 -3.41
CA VAL C 62 -14.65 -20.17 -4.55
C VAL C 62 -16.13 -20.00 -4.26
N GLY C 63 -16.83 -19.32 -5.15
CA GLY C 63 -18.24 -19.11 -4.93
C GLY C 63 -19.05 -19.90 -5.94
N PHE C 64 -20.11 -20.54 -5.45
CA PHE C 64 -20.98 -21.34 -6.30
C PHE C 64 -22.42 -21.14 -5.86
N ARG C 65 -23.35 -21.37 -6.79
CA ARG C 65 -24.78 -21.21 -6.50
C ARG C 65 -25.33 -22.43 -5.78
N LEU C 66 -26.15 -22.17 -4.77
CA LEU C 66 -26.75 -23.24 -4.00
C LEU C 66 -28.14 -23.57 -4.59
N GLU C 67 -28.52 -24.83 -4.52
CA GLU C 67 -29.81 -25.25 -5.05
C GLU C 67 -30.86 -25.22 -3.98
N GLU C 68 -32.12 -25.27 -4.41
CA GLU C 68 -33.27 -25.23 -3.50
C GLU C 68 -34.53 -25.73 -4.19
N GLY D 2 -2.25 -5.04 36.36
CA GLY D 2 -1.51 -3.82 36.81
C GLY D 2 -2.21 -2.53 36.40
N LYS D 3 -1.46 -1.69 35.70
CA LYS D 3 -2.05 -0.44 35.24
C LYS D 3 -3.03 -0.69 34.11
N VAL D 4 -3.99 0.21 33.96
CA VAL D 4 -4.98 0.10 32.89
C VAL D 4 -5.08 1.45 32.22
N TYR D 5 -5.18 1.45 30.89
CA TYR D 5 -5.28 2.70 30.14
C TYR D 5 -6.59 2.70 29.37
N LYS D 6 -6.98 3.87 28.91
CA LYS D 6 -8.19 4.01 28.14
C LYS D 6 -7.79 4.83 26.91
N LYS D 7 -8.51 4.67 25.80
CA LYS D 7 -8.17 5.44 24.62
C LYS D 7 -9.43 6.08 24.14
N VAL D 8 -9.37 7.35 23.78
CA VAL D 8 -10.56 8.00 23.27
C VAL D 8 -10.16 8.47 21.90
N GLU D 9 -11.13 8.59 21.01
CA GLU D 9 -10.88 9.02 19.66
C GLU D 9 -11.37 10.46 19.50
N LEU D 10 -10.46 11.34 19.06
CA LEU D 10 -10.77 12.74 18.86
C LEU D 10 -10.45 13.12 17.42
N VAL D 11 -10.90 14.29 16.97
CA VAL D 11 -10.61 14.78 15.63
C VAL D 11 -10.18 16.23 15.78
N GLY D 12 -8.88 16.48 15.72
CA GLY D 12 -8.40 17.84 15.90
C GLY D 12 -8.42 18.55 14.59
N THR D 13 -8.87 19.80 14.52
CA THR D 13 -8.86 20.52 13.25
C THR D 13 -8.02 21.79 13.33
N SER D 14 -7.64 22.33 12.18
CA SER D 14 -6.81 23.52 12.15
C SER D 14 -6.63 23.93 10.71
N GLU D 15 -6.51 25.23 10.49
CA GLU D 15 -6.31 25.73 9.14
C GLU D 15 -4.82 25.90 8.88
N GLU D 16 -4.01 25.73 9.93
CA GLU D 16 -2.57 25.90 9.78
C GLU D 16 -1.87 24.67 9.19
N GLY D 17 -1.99 23.53 9.86
CA GLY D 17 -1.34 22.36 9.33
C GLY D 17 -1.68 21.12 10.12
N LEU D 18 -0.98 20.04 9.80
CA LEU D 18 -1.21 18.78 10.48
C LEU D 18 -0.81 18.87 11.94
N GLU D 19 0.44 19.22 12.23
CA GLU D 19 0.90 19.31 13.63
C GLU D 19 -0.01 20.20 14.44
N ALA D 20 -0.50 21.27 13.84
CA ALA D 20 -1.40 22.19 14.53
C ALA D 20 -2.72 21.50 14.95
N ALA D 21 -3.29 20.69 14.05
CA ALA D 21 -4.54 20.00 14.31
C ALA D 21 -4.36 18.97 15.41
N ILE D 22 -3.19 18.34 15.43
CA ILE D 22 -2.89 17.35 16.45
C ILE D 22 -2.90 18.03 17.80
N GLN D 23 -2.16 19.15 17.90
CA GLN D 23 -2.05 19.95 19.11
C GLN D 23 -3.40 20.48 19.59
N ALA D 24 -4.25 20.90 18.66
CA ALA D 24 -5.56 21.40 19.05
C ALA D 24 -6.30 20.29 19.77
N ALA D 25 -6.25 19.08 19.24
CA ALA D 25 -6.95 17.97 19.87
C ALA D 25 -6.36 17.73 21.25
N LEU D 26 -5.03 17.69 21.33
CA LEU D 26 -4.39 17.45 22.60
C LEU D 26 -4.65 18.58 23.60
N ALA D 27 -4.82 19.79 23.11
CA ALA D 27 -5.06 20.91 24.01
C ALA D 27 -6.41 20.76 24.68
N ARG D 28 -7.42 20.44 23.90
CA ARG D 28 -8.74 20.24 24.45
C ARG D 28 -8.81 18.98 25.32
N ALA D 29 -8.04 17.96 24.96
CA ALA D 29 -8.05 16.73 25.74
C ALA D 29 -7.55 16.96 27.16
N ARG D 30 -6.50 17.77 27.27
CA ARG D 30 -5.86 18.10 28.54
C ARG D 30 -6.84 18.71 29.53
N LYS D 31 -7.87 19.38 29.01
CA LYS D 31 -8.91 20.03 29.80
C LYS D 31 -9.80 19.10 30.65
N THR D 32 -10.09 17.91 30.14
CA THR D 32 -10.98 17.00 30.85
C THR D 32 -10.42 15.61 31.11
N LEU D 33 -9.23 15.33 30.61
CA LEU D 33 -8.62 14.02 30.82
C LEU D 33 -7.32 14.19 31.56
N ARG D 34 -7.01 13.25 32.44
CA ARG D 34 -5.77 13.33 33.21
C ARG D 34 -4.82 12.19 32.88
N HIS D 35 -3.53 12.46 32.94
CA HIS D 35 -2.49 11.46 32.68
C HIS D 35 -2.36 11.03 31.22
N LEU D 36 -2.50 11.99 30.31
CA LEU D 36 -2.37 11.72 28.88
C LEU D 36 -0.97 11.16 28.61
N ASP D 37 -0.88 10.03 27.93
CA ASP D 37 0.42 9.46 27.65
C ASP D 37 0.84 9.41 26.20
N TRP D 38 -0.03 8.95 25.32
CA TRP D 38 0.34 8.84 23.91
C TRP D 38 -0.81 9.04 22.96
N PHE D 39 -0.50 9.18 21.66
CA PHE D 39 -1.56 9.35 20.68
C PHE D 39 -1.20 8.53 19.45
N GLU D 40 -2.18 8.25 18.60
CA GLU D 40 -1.95 7.49 17.38
C GLU D 40 -2.79 8.15 16.31
N VAL D 41 -2.19 8.55 15.19
CA VAL D 41 -2.96 9.16 14.12
C VAL D 41 -3.64 8.04 13.35
N LYS D 42 -4.96 8.15 13.18
CA LYS D 42 -5.72 7.14 12.45
C LYS D 42 -5.98 7.59 11.03
N GLU D 43 -6.39 8.85 10.86
CA GLU D 43 -6.69 9.38 9.55
C GLU D 43 -6.24 10.83 9.41
N ILE D 44 -6.07 11.25 8.17
CA ILE D 44 -5.73 12.62 7.90
C ILE D 44 -6.61 13.01 6.73
N ARG D 45 -7.57 13.91 6.98
CA ARG D 45 -8.45 14.37 5.93
C ARG D 45 -8.61 15.88 6.05
N GLY D 46 -9.50 16.46 5.27
CA GLY D 46 -9.71 17.89 5.35
C GLY D 46 -10.76 18.44 4.41
N THR D 47 -11.07 19.73 4.57
CA THR D 47 -12.04 20.39 3.69
C THR D 47 -11.30 21.29 2.72
N ILE D 48 -11.88 21.46 1.54
CA ILE D 48 -11.28 22.28 0.51
C ILE D 48 -12.00 23.61 0.31
N GLY D 49 -11.22 24.67 0.23
CA GLY D 49 -11.76 26.01 0.02
C GLY D 49 -11.16 26.58 -1.26
N GLU D 50 -11.42 27.85 -1.52
CA GLU D 50 -10.92 28.49 -2.73
C GLU D 50 -9.40 28.55 -2.80
N ALA D 51 -8.75 28.66 -1.65
CA ALA D 51 -7.29 28.75 -1.61
C ALA D 51 -6.63 27.38 -1.49
N GLY D 52 -7.47 26.34 -1.47
CA GLY D 52 -6.97 24.99 -1.34
C GLY D 52 -7.44 24.40 -0.03
N VAL D 53 -6.50 23.96 0.81
CA VAL D 53 -6.89 23.37 2.07
C VAL D 53 -7.54 24.41 2.96
N LYS D 54 -8.80 24.17 3.33
CA LYS D 54 -9.53 25.08 4.21
C LYS D 54 -9.15 24.69 5.66
N GLU D 55 -9.48 23.47 6.04
CA GLU D 55 -9.17 22.91 7.36
C GLU D 55 -8.59 21.51 7.28
N TYR D 56 -7.55 21.29 8.06
CA TYR D 56 -6.91 19.99 8.15
C TYR D 56 -7.60 19.33 9.33
N GLN D 57 -7.99 18.06 9.17
CA GLN D 57 -8.64 17.32 10.26
C GLN D 57 -7.82 16.04 10.46
N VAL D 58 -7.30 15.85 11.67
CA VAL D 58 -6.51 14.69 11.99
C VAL D 58 -7.24 13.84 13.02
N VAL D 59 -7.66 12.64 12.62
CA VAL D 59 -8.38 11.74 13.51
C VAL D 59 -7.32 11.02 14.30
N LEU D 60 -7.40 11.06 15.63
CA LEU D 60 -6.41 10.35 16.44
C LEU D 60 -6.96 9.73 17.71
N GLU D 61 -6.26 8.73 18.23
CA GLU D 61 -6.67 8.10 19.46
C GLU D 61 -5.72 8.66 20.46
N VAL D 62 -6.20 8.88 21.68
CA VAL D 62 -5.37 9.42 22.73
C VAL D 62 -5.44 8.44 23.89
N GLY D 63 -4.28 7.95 24.33
CA GLY D 63 -4.25 6.99 25.42
C GLY D 63 -3.84 7.63 26.72
N PHE D 64 -4.55 7.32 27.79
CA PHE D 64 -4.24 7.87 29.10
C PHE D 64 -4.40 6.85 30.21
N ARG D 65 -3.64 7.02 31.29
CA ARG D 65 -3.71 6.08 32.40
C ARG D 65 -4.95 6.29 33.25
N LEU D 66 -5.64 5.20 33.56
CA LEU D 66 -6.83 5.28 34.40
C LEU D 66 -6.42 5.22 35.86
N GLU D 67 -6.90 6.18 36.65
CA GLU D 67 -6.60 6.24 38.09
C GLU D 67 -7.33 5.10 38.81
N GLU D 68 -6.54 4.28 39.52
CA GLU D 68 -7.03 3.13 40.29
C GLU D 68 -7.86 2.11 39.47
N GLY E 2 -30.68 12.11 -3.60
CA GLY E 2 -30.24 13.52 -3.50
C GLY E 2 -28.94 13.80 -4.21
N LYS E 3 -28.05 14.49 -3.52
CA LYS E 3 -26.76 14.88 -4.10
C LYS E 3 -25.93 13.64 -4.34
N VAL E 4 -24.90 13.79 -5.14
CA VAL E 4 -24.02 12.68 -5.43
C VAL E 4 -22.65 13.27 -5.59
N TYR E 5 -21.65 12.61 -5.01
CA TYR E 5 -20.27 13.07 -5.11
C TYR E 5 -19.45 12.04 -5.86
N LYS E 6 -18.25 12.43 -6.27
CA LYS E 6 -17.33 11.56 -6.99
C LYS E 6 -16.00 11.79 -6.33
N LYS E 7 -15.15 10.76 -6.33
CA LYS E 7 -13.84 10.88 -5.72
C LYS E 7 -12.80 10.51 -6.73
N VAL E 8 -11.74 11.29 -6.77
CA VAL E 8 -10.67 10.97 -7.70
C VAL E 8 -9.42 10.79 -6.89
N GLU E 9 -8.53 9.93 -7.34
CA GLU E 9 -7.30 9.69 -6.59
C GLU E 9 -6.11 10.38 -7.23
N LEU E 10 -5.47 11.27 -6.49
CA LEU E 10 -4.33 11.98 -7.04
C LEU E 10 -3.13 11.76 -6.16
N VAL E 11 -1.97 12.22 -6.62
CA VAL E 11 -0.76 12.10 -5.84
C VAL E 11 -0.01 13.43 -5.93
N GLY E 12 -0.12 14.25 -4.91
CA GLY E 12 0.56 15.53 -4.94
C GLY E 12 2.01 15.36 -4.52
N THR E 13 2.94 16.03 -5.18
CA THR E 13 4.34 15.93 -4.78
C THR E 13 4.91 17.32 -4.48
N SER E 14 5.95 17.34 -3.66
CA SER E 14 6.61 18.57 -3.29
C SER E 14 7.92 18.26 -2.60
N GLU E 15 8.87 19.18 -2.66
CA GLU E 15 10.14 18.95 -2.00
C GLU E 15 10.13 19.73 -0.71
N GLU E 16 9.07 20.50 -0.53
CA GLU E 16 8.91 21.32 0.66
C GLU E 16 8.45 20.53 1.87
N GLY E 17 7.26 19.92 1.75
CA GLY E 17 6.74 19.16 2.87
C GLY E 17 5.39 18.54 2.58
N LEU E 18 4.81 17.90 3.58
CA LEU E 18 3.52 17.22 3.44
C LEU E 18 2.38 18.14 3.04
N GLU E 19 2.19 19.22 3.78
CA GLU E 19 1.12 20.14 3.48
C GLU E 19 1.27 20.65 2.05
N ALA E 20 2.51 20.99 1.67
CA ALA E 20 2.80 21.51 0.33
C ALA E 20 2.37 20.53 -0.76
N ALA E 21 2.77 19.27 -0.61
CA ALA E 21 2.40 18.24 -1.56
C ALA E 21 0.87 18.13 -1.69
N ILE E 22 0.17 18.32 -0.59
CA ILE E 22 -1.29 18.24 -0.60
C ILE E 22 -1.87 19.44 -1.35
N GLN E 23 -1.37 20.63 -1.06
CA GLN E 23 -1.86 21.82 -1.74
C GLN E 23 -1.60 21.71 -3.26
N ALA E 24 -0.42 21.20 -3.64
CA ALA E 24 -0.07 21.01 -5.05
C ALA E 24 -1.14 20.15 -5.76
N ALA E 25 -1.56 19.06 -5.11
CA ALA E 25 -2.59 18.20 -5.70
C ALA E 25 -3.87 18.97 -5.83
N LEU E 26 -4.25 19.66 -4.76
CA LEU E 26 -5.49 20.42 -4.77
C LEU E 26 -5.45 21.50 -5.83
N ALA E 27 -4.34 22.22 -5.88
CA ALA E 27 -4.21 23.28 -6.85
C ALA E 27 -4.57 22.73 -8.22
N ARG E 28 -3.87 21.70 -8.66
CA ARG E 28 -4.12 21.10 -9.96
C ARG E 28 -5.50 20.50 -10.13
N ALA E 29 -6.13 20.14 -9.03
CA ALA E 29 -7.46 19.57 -9.13
C ALA E 29 -8.47 20.67 -9.42
N ARG E 30 -8.20 21.85 -8.88
CA ARG E 30 -9.07 23.01 -9.05
C ARG E 30 -9.19 23.40 -10.52
N LYS E 31 -8.15 23.11 -11.29
CA LYS E 31 -8.13 23.43 -12.71
C LYS E 31 -9.10 22.68 -13.62
N THR E 32 -9.43 21.44 -13.27
CA THR E 32 -10.35 20.65 -14.11
C THR E 32 -11.57 20.12 -13.39
N LEU E 33 -11.60 20.29 -12.08
CA LEU E 33 -12.73 19.80 -11.32
C LEU E 33 -13.46 20.94 -10.60
N ARG E 34 -14.78 20.83 -10.56
CA ARG E 34 -15.64 21.83 -9.92
C ARG E 34 -16.28 21.30 -8.65
N HIS E 35 -16.47 22.20 -7.69
CA HIS E 35 -17.12 21.88 -6.43
C HIS E 35 -16.33 20.96 -5.51
N LEU E 36 -15.03 21.20 -5.43
CA LEU E 36 -14.17 20.41 -4.58
C LEU E 36 -14.72 20.61 -3.19
N ASP E 37 -14.92 19.50 -2.49
CA ASP E 37 -15.47 19.53 -1.15
C ASP E 37 -14.44 19.14 -0.08
N TRP E 38 -13.96 17.89 -0.13
CA TRP E 38 -13.01 17.37 0.86
C TRP E 38 -11.95 16.44 0.29
N PHE E 39 -10.96 16.12 1.10
CA PHE E 39 -9.91 15.24 0.65
C PHE E 39 -9.59 14.27 1.77
N GLU E 40 -8.99 13.15 1.42
CA GLU E 40 -8.60 12.12 2.38
C GLU E 40 -7.19 11.64 2.06
N VAL E 41 -6.30 11.62 3.05
CA VAL E 41 -4.96 11.12 2.80
C VAL E 41 -4.95 9.60 2.86
N LYS E 42 -4.46 8.98 1.80
CA LYS E 42 -4.41 7.54 1.72
C LYS E 42 -3.03 7.05 2.06
N GLU E 43 -2.01 7.68 1.51
CA GLU E 43 -0.64 7.28 1.77
C GLU E 43 0.28 8.49 1.80
N ILE E 44 1.42 8.32 2.43
CA ILE E 44 2.41 9.36 2.49
C ILE E 44 3.65 8.59 2.20
N ARG E 45 4.36 8.96 1.14
CA ARG E 45 5.60 8.28 0.78
C ARG E 45 6.56 9.30 0.22
N GLY E 46 7.68 8.86 -0.34
CA GLY E 46 8.61 9.80 -0.90
C GLY E 46 9.86 9.18 -1.42
N THR E 47 10.68 10.00 -2.07
CA THR E 47 11.94 9.56 -2.65
C THR E 47 13.07 10.06 -1.78
N ILE E 48 14.18 9.36 -1.83
CA ILE E 48 15.33 9.72 -1.02
C ILE E 48 16.51 10.25 -1.85
N GLY E 49 17.00 11.41 -1.44
CA GLY E 49 18.13 12.05 -2.09
C GLY E 49 19.32 12.12 -1.16
N GLU E 50 20.38 12.77 -1.63
CA GLU E 50 21.62 12.94 -0.87
C GLU E 50 21.37 13.66 0.46
N ALA E 51 20.45 14.60 0.45
CA ALA E 51 20.13 15.39 1.63
C ALA E 51 18.99 14.81 2.46
N GLY E 52 18.54 13.60 2.12
CA GLY E 52 17.43 13.00 2.84
C GLY E 52 16.21 12.97 1.92
N VAL E 53 15.08 13.49 2.37
CA VAL E 53 13.88 13.48 1.52
C VAL E 53 14.04 14.32 0.27
N LYS E 54 13.90 13.71 -0.90
CA LYS E 54 14.03 14.49 -2.12
C LYS E 54 12.67 15.09 -2.40
N GLU E 55 11.68 14.22 -2.46
CA GLU E 55 10.33 14.62 -2.77
C GLU E 55 9.30 13.88 -1.90
N TYR E 56 8.34 14.62 -1.33
CA TYR E 56 7.29 14.02 -0.51
C TYR E 56 6.16 13.73 -1.46
N GLN E 57 5.56 12.54 -1.37
CA GLN E 57 4.45 12.21 -2.25
C GLN E 57 3.28 11.80 -1.36
N VAL E 58 2.17 12.53 -1.47
CA VAL E 58 1.00 12.24 -0.66
C VAL E 58 -0.12 11.78 -1.55
N VAL E 59 -0.52 10.51 -1.43
CA VAL E 59 -1.61 9.97 -2.21
C VAL E 59 -2.88 10.35 -1.48
N LEU E 60 -3.80 11.00 -2.17
CA LEU E 60 -5.04 11.43 -1.54
C LEU E 60 -6.23 11.33 -2.46
N GLU E 61 -7.41 11.23 -1.87
CA GLU E 61 -8.63 11.19 -2.66
C GLU E 61 -9.28 12.54 -2.50
N VAL E 62 -9.76 13.09 -3.60
CA VAL E 62 -10.44 14.37 -3.58
C VAL E 62 -11.89 14.07 -3.91
N GLY E 63 -12.80 14.53 -3.08
CA GLY E 63 -14.21 14.31 -3.35
C GLY E 63 -14.77 15.65 -3.78
N PHE E 64 -15.70 15.63 -4.71
CA PHE E 64 -16.33 16.85 -5.21
C PHE E 64 -17.78 16.56 -5.60
N ARG E 65 -18.64 17.58 -5.50
CA ARG E 65 -20.05 17.38 -5.85
C ARG E 65 -20.30 17.32 -7.37
N LEU E 66 -21.18 16.41 -7.78
CA LEU E 66 -21.50 16.25 -9.18
C LEU E 66 -22.78 17.02 -9.51
N GLU E 67 -22.86 17.51 -10.74
CA GLU E 67 -24.03 18.26 -11.20
C GLU E 67 -25.08 17.25 -11.62
N GLU E 68 -26.32 17.44 -11.17
CA GLU E 68 -27.39 16.52 -11.53
C GLU E 68 -27.55 16.43 -13.05
N GLY F 2 15.96 -9.42 -12.29
CA GLY F 2 16.71 -8.14 -12.45
C GLY F 2 17.14 -7.60 -11.11
N LYS F 3 16.89 -6.31 -10.86
CA LYS F 3 17.29 -5.72 -9.60
C LYS F 3 16.38 -6.21 -8.46
N VAL F 4 16.90 -6.15 -7.23
CA VAL F 4 16.13 -6.58 -6.06
C VAL F 4 16.35 -5.55 -4.98
N TYR F 5 15.29 -5.22 -4.25
CA TYR F 5 15.39 -4.22 -3.19
C TYR F 5 15.02 -4.86 -1.88
N LYS F 6 15.41 -4.20 -0.80
CA LYS F 6 15.12 -4.63 0.56
C LYS F 6 14.46 -3.46 1.25
N LYS F 7 13.57 -3.78 2.19
CA LYS F 7 12.86 -2.76 2.98
C LYS F 7 13.11 -2.98 4.49
N VAL F 8 13.45 -1.90 5.18
CA VAL F 8 13.60 -2.01 6.62
C VAL F 8 12.58 -1.07 7.25
N GLU F 9 12.12 -1.39 8.45
CA GLU F 9 11.13 -0.55 9.09
C GLU F 9 11.86 0.21 10.16
N LEU F 10 11.75 1.53 10.13
CA LEU F 10 12.40 2.35 11.13
C LEU F 10 11.36 3.21 11.78
N VAL F 11 11.71 3.84 12.89
CA VAL F 11 10.78 4.72 13.58
C VAL F 11 11.56 5.97 13.89
N GLY F 12 11.35 7.01 13.12
CA GLY F 12 12.07 8.25 13.33
C GLY F 12 11.32 9.12 14.31
N THR F 13 12.03 9.73 15.26
CA THR F 13 11.37 10.58 16.28
C THR F 13 11.88 12.00 16.26
N SER F 14 11.08 12.93 16.76
CA SER F 14 11.47 14.31 16.80
C SER F 14 10.49 15.10 17.61
N GLU F 15 10.98 16.14 18.28
CA GLU F 15 10.12 16.98 19.07
C GLU F 15 9.64 18.14 18.25
N GLU F 16 10.16 18.27 17.04
CA GLU F 16 9.76 19.41 16.24
C GLU F 16 8.60 19.17 15.30
N GLY F 17 8.54 18.00 14.65
CA GLY F 17 7.42 17.77 13.75
C GLY F 17 7.47 16.48 12.96
N LEU F 18 6.53 16.31 12.04
CA LEU F 18 6.48 15.10 11.25
C LEU F 18 7.65 15.00 10.30
N GLU F 19 7.84 16.03 9.48
CA GLU F 19 8.93 15.99 8.52
C GLU F 19 10.22 15.71 9.23
N ALA F 20 10.43 16.40 10.34
CA ALA F 20 11.64 16.23 11.10
C ALA F 20 11.88 14.76 11.48
N ALA F 21 10.87 14.15 12.08
CA ALA F 21 11.00 12.76 12.49
C ALA F 21 11.32 11.85 11.32
N ILE F 22 10.78 12.16 10.15
CA ILE F 22 11.04 11.36 8.96
C ILE F 22 12.50 11.52 8.57
N GLN F 23 12.98 12.76 8.59
CA GLN F 23 14.35 13.07 8.24
C GLN F 23 15.33 12.42 9.18
N ALA F 24 14.97 12.39 10.47
CA ALA F 24 15.82 11.77 11.47
C ALA F 24 16.04 10.28 11.17
N ALA F 25 14.98 9.60 10.74
CA ALA F 25 15.07 8.19 10.39
C ALA F 25 15.88 7.99 9.11
N LEU F 26 15.71 8.88 8.13
CA LEU F 26 16.47 8.80 6.88
C LEU F 26 17.93 9.12 7.13
N ALA F 27 18.18 10.13 7.96
CA ALA F 27 19.55 10.51 8.35
C ALA F 27 20.30 9.26 8.90
N ARG F 28 19.72 8.61 9.91
CA ARG F 28 20.35 7.44 10.51
C ARG F 28 20.44 6.25 9.56
N ALA F 29 19.53 6.17 8.60
CA ALA F 29 19.51 5.05 7.65
C ALA F 29 20.69 5.15 6.69
N ARG F 30 21.01 6.38 6.33
CA ARG F 30 22.09 6.71 5.41
C ARG F 30 23.43 6.24 5.94
N LYS F 31 23.58 6.22 7.26
CA LYS F 31 24.83 5.81 7.87
C LYS F 31 25.20 4.35 7.70
N THR F 32 24.23 3.47 7.55
CA THR F 32 24.54 2.04 7.41
C THR F 32 23.92 1.38 6.20
N LEU F 33 23.06 2.10 5.50
CA LEU F 33 22.43 1.53 4.32
C LEU F 33 22.85 2.26 3.05
N ARG F 34 23.08 1.50 1.98
CA ARG F 34 23.49 2.09 0.72
C ARG F 34 22.39 2.02 -0.34
N HIS F 35 22.34 3.01 -1.21
CA HIS F 35 21.36 3.02 -2.29
C HIS F 35 19.91 3.26 -1.87
N LEU F 36 19.70 4.12 -0.88
CA LEU F 36 18.35 4.42 -0.42
C LEU F 36 17.53 5.03 -1.56
N ASP F 37 16.38 4.42 -1.89
CA ASP F 37 15.54 4.93 -2.96
C ASP F 37 14.24 5.61 -2.51
N TRP F 38 13.41 4.89 -1.76
CA TRP F 38 12.16 5.48 -1.30
C TRP F 38 11.74 5.11 0.12
N PHE F 39 10.71 5.79 0.59
CA PHE F 39 10.19 5.51 1.92
C PHE F 39 8.66 5.49 1.88
N GLU F 40 8.06 4.88 2.89
CA GLU F 40 6.60 4.83 3.02
C GLU F 40 6.28 5.02 4.49
N VAL F 41 5.36 5.91 4.79
CA VAL F 41 5.00 6.13 6.18
C VAL F 41 3.92 5.12 6.50
N LYS F 42 4.13 4.32 7.55
CA LYS F 42 3.16 3.32 7.96
C LYS F 42 2.29 3.82 9.10
N GLU F 43 2.89 4.45 10.10
CA GLU F 43 2.13 5.00 11.24
C GLU F 43 2.70 6.34 11.68
N ILE F 44 1.85 7.15 12.30
CA ILE F 44 2.27 8.41 12.89
C ILE F 44 1.69 8.37 14.29
N ARG F 45 2.55 8.34 15.29
CA ARG F 45 2.06 8.34 16.64
C ARG F 45 2.93 9.27 17.46
N GLY F 46 2.81 9.21 18.78
CA GLY F 46 3.62 10.11 19.60
C GLY F 46 3.32 10.13 21.08
N THR F 47 4.22 10.74 21.84
CA THR F 47 4.04 10.83 23.27
C THR F 47 3.45 12.19 23.62
N ILE F 48 2.88 12.30 24.81
CA ILE F 48 2.27 13.55 25.21
C ILE F 48 2.94 14.06 26.47
N GLY F 49 3.15 15.37 26.52
CA GLY F 49 3.78 15.95 27.68
C GLY F 49 2.92 17.09 28.15
N GLU F 50 3.42 17.90 29.06
CA GLU F 50 2.66 19.01 29.58
C GLU F 50 2.28 20.04 28.50
N ALA F 51 3.17 20.25 27.55
CA ALA F 51 2.95 21.21 26.46
C ALA F 51 2.21 20.62 25.26
N GLY F 52 1.77 19.38 25.39
CA GLY F 52 1.09 18.74 24.27
C GLY F 52 2.01 17.67 23.72
N VAL F 53 2.21 17.67 22.41
CA VAL F 53 3.08 16.66 21.81
C VAL F 53 4.49 16.75 22.35
N LYS F 54 4.98 15.68 22.96
CA LYS F 54 6.35 15.66 23.46
C LYS F 54 7.25 15.22 22.30
N GLU F 55 7.04 13.99 21.80
CA GLU F 55 7.79 13.43 20.68
C GLU F 55 6.91 12.92 19.53
N TYR F 56 7.21 13.28 18.28
CA TYR F 56 6.43 12.73 17.18
C TYR F 56 7.19 11.49 16.77
N GLN F 57 6.51 10.37 16.54
CA GLN F 57 7.19 9.14 16.10
C GLN F 57 6.56 8.72 14.78
N VAL F 58 7.37 8.62 13.74
CA VAL F 58 6.86 8.25 12.44
C VAL F 58 7.50 6.93 12.10
N VAL F 59 6.66 5.92 11.90
CA VAL F 59 7.13 4.59 11.61
C VAL F 59 7.11 4.58 10.13
N LEU F 60 8.19 4.16 9.50
CA LEU F 60 8.19 4.12 8.06
C LEU F 60 9.07 3.03 7.54
N GLU F 61 8.86 2.68 6.28
CA GLU F 61 9.65 1.66 5.64
C GLU F 61 10.57 2.37 4.68
N VAL F 62 11.81 1.93 4.67
CA VAL F 62 12.79 2.52 3.81
C VAL F 62 13.22 1.46 2.82
N GLY F 63 13.05 1.76 1.53
CA GLY F 63 13.44 0.83 0.48
C GLY F 63 14.78 1.20 -0.14
N PHE F 64 15.65 0.22 -0.33
CA PHE F 64 16.96 0.45 -0.93
C PHE F 64 17.38 -0.69 -1.84
N ARG F 65 18.14 -0.39 -2.87
CA ARG F 65 18.58 -1.44 -3.79
C ARG F 65 19.69 -2.29 -3.20
N LEU F 66 19.59 -3.60 -3.43
CA LEU F 66 20.60 -4.51 -2.93
C LEU F 66 21.63 -4.69 -4.03
N GLU F 67 22.88 -4.87 -3.63
CA GLU F 67 23.95 -5.05 -4.60
C GLU F 67 24.05 -6.54 -4.87
N GLU F 68 24.60 -6.90 -6.02
CA GLU F 68 24.76 -8.30 -6.38
C GLU F 68 26.20 -8.71 -6.13
CL CL G . 17.74 -6.70 9.04
CS CS H . 2.40 -16.85 -15.06
CL CL I . -11.92 9.81 -14.25
NA NA J . 3.60 18.89 8.50
#